data_2Z0M
#
_entry.id   2Z0M
#
_cell.length_a   44.985
_cell.length_b   87.216
_cell.length_c   108.258
_cell.angle_alpha   90.00
_cell.angle_beta   90.00
_cell.angle_gamma   90.00
#
_symmetry.space_group_name_H-M   'P 21 21 21'
#
loop_
_entity.id
_entity.type
_entity.pdbx_description
1 polymer '337aa long hypothetical ATP-dependent RNA helicase deaD'
2 water water
#
_entity_poly.entity_id   1
_entity_poly.type   'polypeptide(L)'
_entity_poly.pdbx_seq_one_letter_code
;MNEKIEQAIREMGFKNFTEVQSKTIPLMLQGKNVVVRAKTGSGKTAAYAIPILELGMKSLVVTPTRELTRQVASHIRDIG
RYMDTKVAEVYGGMPYKAQINRVRNADIVVATPGRLLDLWSKGVIDLSSFEIVIIDEADLMFEMGFIDDIKIILAQTSNR
KITGLFSATIPEEIRKVVKDFITNYEEIEACIGLANVEHKFVHVKDDWRSKVQALRENKDKGVIVFVRTRNRVAKLVRLF
DNAIELRGDLPQSVRNRNIDAFREGEYDMLITTDVASRGLDIPLVEKVINFDAPQDLRTYIHRIGRTGRMGRKGEAITFI
LNEYWLEKEVKKVSQKA
;
_entity_poly.pdbx_strand_id   A
#
# COMPACT_ATOMS: atom_id res chain seq x y z
N MET A 1 -17.29 -17.99 5.13
CA MET A 1 -17.97 -19.28 4.81
C MET A 1 -19.38 -19.32 5.37
N ASN A 2 -19.72 -18.39 6.27
CA ASN A 2 -21.06 -18.36 6.83
C ASN A 2 -22.01 -18.32 5.63
N GLU A 3 -22.96 -19.25 5.60
CA GLU A 3 -23.91 -19.35 4.50
C GLU A 3 -24.68 -18.06 4.22
N LYS A 4 -24.93 -17.29 5.28
CA LYS A 4 -25.67 -16.04 5.13
C LYS A 4 -24.89 -15.01 4.32
N ILE A 5 -23.56 -15.05 4.46
CA ILE A 5 -22.70 -14.11 3.75
C ILE A 5 -22.50 -14.60 2.31
N GLU A 6 -22.29 -15.91 2.15
CA GLU A 6 -22.13 -16.48 0.82
C GLU A 6 -23.35 -16.18 -0.06
N GLN A 7 -24.54 -16.35 0.50
CA GLN A 7 -25.78 -16.11 -0.24
C GLN A 7 -25.89 -14.63 -0.61
N ALA A 8 -25.55 -13.76 0.32
CA ALA A 8 -25.62 -12.32 0.07
C ALA A 8 -24.70 -11.91 -1.07
N ILE A 9 -23.45 -12.34 -1.04
CA ILE A 9 -22.54 -11.95 -2.11
C ILE A 9 -22.93 -12.56 -3.46
N ARG A 10 -23.56 -13.74 -3.43
CA ARG A 10 -23.99 -14.36 -4.67
C ARG A 10 -25.10 -13.49 -5.28
N GLU A 11 -25.99 -12.99 -4.42
CA GLU A 11 -27.09 -12.14 -4.87
C GLU A 11 -26.58 -10.80 -5.39
N MET A 12 -25.44 -10.35 -4.86
CA MET A 12 -24.85 -9.09 -5.28
C MET A 12 -24.09 -9.26 -6.59
N GLY A 13 -24.00 -10.50 -7.07
CA GLY A 13 -23.31 -10.76 -8.32
C GLY A 13 -21.88 -11.26 -8.23
N PHE A 14 -21.54 -11.82 -7.07
CA PHE A 14 -20.17 -12.33 -6.87
C PHE A 14 -19.89 -13.51 -7.80
N LYS A 15 -18.70 -13.50 -8.39
CA LYS A 15 -18.29 -14.58 -9.28
C LYS A 15 -16.93 -15.11 -8.82
N ASN A 16 -16.04 -14.19 -8.47
CA ASN A 16 -14.71 -14.55 -7.99
C ASN A 16 -14.13 -13.47 -7.08
N PHE A 17 -13.19 -13.85 -6.22
CA PHE A 17 -12.55 -12.91 -5.32
C PHE A 17 -11.40 -12.20 -6.02
N THR A 18 -11.19 -10.93 -5.68
CA THR A 18 -10.09 -10.17 -6.25
C THR A 18 -8.83 -10.66 -5.57
N GLU A 19 -7.67 -10.29 -6.10
CA GLU A 19 -6.42 -10.72 -5.49
C GLU A 19 -6.31 -10.25 -4.04
N VAL A 20 -6.59 -8.97 -3.79
CA VAL A 20 -6.51 -8.45 -2.43
C VAL A 20 -7.42 -9.27 -1.52
N GLN A 21 -8.63 -9.53 -1.99
CA GLN A 21 -9.58 -10.31 -1.21
C GLN A 21 -9.08 -11.73 -0.93
N SER A 22 -8.55 -12.41 -1.95
CA SER A 22 -8.06 -13.77 -1.78
C SER A 22 -6.94 -13.88 -0.74
N LYS A 23 -6.08 -12.87 -0.69
CA LYS A 23 -4.96 -12.88 0.25
C LYS A 23 -5.33 -12.39 1.65
N THR A 24 -6.12 -11.33 1.71
CA THR A 24 -6.51 -10.74 2.99
C THR A 24 -7.51 -11.52 3.83
N ILE A 25 -8.60 -11.95 3.23
CA ILE A 25 -9.65 -12.67 3.96
C ILE A 25 -9.15 -13.84 4.81
N PRO A 26 -8.40 -14.78 4.21
CA PRO A 26 -7.90 -15.93 4.97
C PRO A 26 -7.05 -15.52 6.18
N LEU A 27 -6.20 -14.53 6.00
CA LEU A 27 -5.31 -14.07 7.07
C LEU A 27 -6.05 -13.43 8.23
N MET A 28 -7.03 -12.57 7.92
CA MET A 28 -7.79 -11.93 8.98
C MET A 28 -8.63 -12.99 9.71
N LEU A 29 -9.17 -13.95 8.97
CA LEU A 29 -9.97 -14.99 9.61
C LEU A 29 -9.11 -15.84 10.56
N GLN A 30 -7.79 -15.81 10.35
CA GLN A 30 -6.85 -16.55 11.20
C GLN A 30 -6.44 -15.67 12.39
N GLY A 31 -6.96 -14.43 12.41
CA GLY A 31 -6.66 -13.52 13.50
C GLY A 31 -5.34 -12.77 13.36
N LYS A 32 -4.83 -12.70 12.14
CA LYS A 32 -3.58 -12.00 11.89
C LYS A 32 -3.82 -10.55 11.52
N ASN A 33 -2.97 -9.67 12.02
CA ASN A 33 -3.07 -8.25 11.70
C ASN A 33 -2.52 -8.10 10.29
N VAL A 34 -3.06 -7.15 9.52
CA VAL A 34 -2.62 -6.96 8.15
C VAL A 34 -2.36 -5.51 7.76
N VAL A 35 -1.39 -5.32 6.87
CA VAL A 35 -1.03 -4.03 6.32
C VAL A 35 -1.11 -4.32 4.84
N VAL A 36 -2.13 -3.78 4.21
CA VAL A 36 -2.41 -4.03 2.81
C VAL A 36 -2.20 -2.86 1.87
N ARG A 37 -1.32 -3.06 0.88
CA ARG A 37 -1.07 -2.02 -0.11
C ARG A 37 -2.06 -2.25 -1.23
N ALA A 38 -3.11 -1.43 -1.28
CA ALA A 38 -4.15 -1.56 -2.29
C ALA A 38 -4.83 -0.24 -2.53
N LYS A 39 -5.31 -0.03 -3.76
CA LYS A 39 -5.99 1.19 -4.14
C LYS A 39 -7.48 0.98 -4.32
N THR A 40 -8.20 2.07 -4.50
CA THR A 40 -9.64 2.05 -4.73
C THR A 40 -9.90 1.16 -5.94
N GLY A 41 -10.93 0.33 -5.85
CA GLY A 41 -11.27 -0.55 -6.96
C GLY A 41 -10.61 -1.92 -6.92
N SER A 42 -9.77 -2.15 -5.92
CA SER A 42 -9.09 -3.43 -5.78
C SER A 42 -9.95 -4.45 -5.07
N GLY A 43 -11.11 -4.01 -4.57
CA GLY A 43 -11.99 -4.90 -3.85
C GLY A 43 -11.57 -4.96 -2.39
N LYS A 44 -10.82 -3.95 -1.96
CA LYS A 44 -10.34 -3.90 -0.59
C LYS A 44 -11.44 -3.81 0.46
N THR A 45 -12.54 -3.13 0.16
CA THR A 45 -13.62 -3.00 1.14
C THR A 45 -14.16 -4.38 1.57
N ALA A 46 -14.53 -5.21 0.58
CA ALA A 46 -15.03 -6.54 0.91
C ALA A 46 -13.93 -7.38 1.54
N ALA A 47 -12.67 -7.05 1.26
CA ALA A 47 -11.54 -7.78 1.83
C ALA A 47 -11.55 -7.71 3.35
N TYR A 48 -11.97 -6.57 3.90
CA TYR A 48 -12.02 -6.49 5.35
C TYR A 48 -13.44 -6.61 5.88
N ALA A 49 -14.42 -6.30 5.05
CA ALA A 49 -15.83 -6.40 5.46
C ALA A 49 -16.27 -7.85 5.68
N ILE A 50 -15.83 -8.76 4.81
CA ILE A 50 -16.19 -10.16 4.94
C ILE A 50 -15.72 -10.72 6.28
N PRO A 51 -14.43 -10.51 6.61
CA PRO A 51 -13.91 -11.03 7.89
C PRO A 51 -14.65 -10.44 9.10
N ILE A 52 -14.93 -9.13 9.03
CA ILE A 52 -15.64 -8.45 10.11
C ILE A 52 -17.00 -9.10 10.34
N LEU A 53 -17.74 -9.30 9.25
CA LEU A 53 -19.07 -9.90 9.34
C LEU A 53 -19.02 -11.37 9.78
N GLU A 54 -18.05 -12.11 9.25
CA GLU A 54 -17.89 -13.52 9.57
C GLU A 54 -17.55 -13.75 11.04
N LEU A 55 -16.61 -12.97 11.56
CA LEU A 55 -16.16 -13.10 12.94
C LEU A 55 -17.18 -12.59 13.95
N GLY A 56 -18.02 -11.64 13.51
CA GLY A 56 -19.05 -11.10 14.38
C GLY A 56 -18.55 -10.29 15.57
N MET A 57 -17.31 -9.82 15.51
CA MET A 57 -16.75 -9.04 16.60
C MET A 57 -17.05 -7.56 16.39
N LYS A 58 -17.23 -6.82 17.47
CA LYS A 58 -17.51 -5.38 17.37
C LYS A 58 -16.35 -4.75 16.61
N SER A 59 -16.65 -4.03 15.54
CA SER A 59 -15.58 -3.46 14.71
C SER A 59 -15.68 -1.99 14.38
N LEU A 60 -14.52 -1.40 14.13
CA LEU A 60 -14.41 0.01 13.78
C LEU A 60 -13.65 0.16 12.47
N VAL A 61 -14.19 0.95 11.55
CA VAL A 61 -13.52 1.20 10.27
C VAL A 61 -13.38 2.71 10.20
N VAL A 62 -12.14 3.18 10.14
CA VAL A 62 -11.87 4.60 10.07
C VAL A 62 -11.60 4.98 8.62
N THR A 63 -12.39 5.94 8.13
CA THR A 63 -12.31 6.40 6.75
C THR A 63 -11.95 7.89 6.70
N PRO A 64 -11.29 8.35 5.63
CA PRO A 64 -10.90 9.75 5.49
C PRO A 64 -11.98 10.78 5.16
N THR A 65 -13.01 10.37 4.42
CA THR A 65 -14.06 11.29 4.00
C THR A 65 -15.49 10.85 4.26
N ARG A 66 -16.41 11.80 4.17
CA ARG A 66 -17.84 11.52 4.36
C ARG A 66 -18.28 10.58 3.26
N GLU A 67 -17.85 10.86 2.03
CA GLU A 67 -18.22 10.03 0.89
C GLU A 67 -17.82 8.56 1.08
N LEU A 68 -16.55 8.34 1.39
CA LEU A 68 -16.06 6.97 1.59
C LEU A 68 -16.73 6.30 2.79
N THR A 69 -16.98 7.07 3.84
CA THR A 69 -17.64 6.52 5.03
C THR A 69 -19.01 5.97 4.63
N ARG A 70 -19.74 6.75 3.82
CA ARG A 70 -21.07 6.33 3.38
C ARG A 70 -21.02 5.13 2.44
N GLN A 71 -20.05 5.12 1.52
CA GLN A 71 -19.93 4.01 0.57
C GLN A 71 -19.53 2.72 1.29
N VAL A 72 -18.58 2.81 2.22
CA VAL A 72 -18.14 1.64 2.95
C VAL A 72 -19.27 1.08 3.82
N ALA A 73 -19.94 1.96 4.57
CA ALA A 73 -21.03 1.53 5.42
C ALA A 73 -22.11 0.82 4.58
N SER A 74 -22.46 1.42 3.45
CA SER A 74 -23.48 0.83 2.58
C SER A 74 -23.06 -0.55 2.08
N HIS A 75 -21.80 -0.69 1.66
CA HIS A 75 -21.30 -1.96 1.15
C HIS A 75 -21.31 -3.03 2.24
N ILE A 76 -20.97 -2.66 3.46
CA ILE A 76 -20.95 -3.59 4.59
C ILE A 76 -22.38 -4.05 4.89
N ARG A 77 -23.35 -3.13 4.85
CA ARG A 77 -24.73 -3.50 5.11
C ARG A 77 -25.24 -4.43 4.04
N ASP A 78 -24.77 -4.21 2.82
CA ASP A 78 -25.18 -5.02 1.67
C ASP A 78 -24.67 -6.46 1.82
N ILE A 79 -23.38 -6.60 2.08
CA ILE A 79 -22.80 -7.92 2.26
C ILE A 79 -23.36 -8.61 3.51
N GLY A 80 -23.62 -7.82 4.56
CA GLY A 80 -24.16 -8.37 5.79
C GLY A 80 -25.67 -8.27 5.92
N ARG A 81 -26.35 -8.18 4.78
CA ARG A 81 -27.81 -8.07 4.74
C ARG A 81 -28.53 -9.12 5.58
N TYR A 82 -27.95 -10.31 5.69
CA TYR A 82 -28.59 -11.39 6.46
C TYR A 82 -27.91 -11.69 7.79
N MET A 83 -26.98 -10.83 8.21
CA MET A 83 -26.26 -11.05 9.46
C MET A 83 -26.86 -10.36 10.68
N ASP A 84 -27.91 -9.58 10.48
CA ASP A 84 -28.57 -8.89 11.58
C ASP A 84 -27.53 -8.17 12.45
N THR A 85 -26.83 -7.24 11.83
CA THR A 85 -25.81 -6.47 12.51
C THR A 85 -26.19 -5.01 12.30
N LYS A 86 -25.83 -4.15 13.24
CA LYS A 86 -26.15 -2.74 13.10
C LYS A 86 -24.89 -1.98 12.74
N VAL A 87 -24.89 -1.39 11.55
CA VAL A 87 -23.76 -0.61 11.05
C VAL A 87 -24.09 0.87 11.18
N ALA A 88 -23.21 1.60 11.85
CA ALA A 88 -23.42 3.04 12.03
C ALA A 88 -22.37 3.85 11.29
N GLU A 89 -22.80 5.02 10.79
CA GLU A 89 -21.92 5.94 10.09
C GLU A 89 -21.68 7.15 10.98
N VAL A 90 -20.45 7.65 10.96
CA VAL A 90 -20.06 8.81 11.76
C VAL A 90 -19.22 9.74 10.89
N TYR A 91 -19.66 10.98 10.72
CA TYR A 91 -18.90 11.94 9.92
C TYR A 91 -19.35 13.36 10.23
N GLY A 92 -18.50 14.32 9.89
CA GLY A 92 -18.81 15.72 10.15
C GLY A 92 -20.01 16.27 9.43
N GLY A 93 -20.78 17.12 10.11
CA GLY A 93 -21.95 17.73 9.49
C GLY A 93 -23.24 17.01 9.81
N MET A 94 -23.16 15.79 10.33
CA MET A 94 -24.37 15.04 10.65
C MET A 94 -25.01 15.65 11.89
N PRO A 95 -26.34 15.81 11.88
CA PRO A 95 -27.04 16.37 13.05
C PRO A 95 -26.67 15.53 14.27
N TYR A 96 -26.35 16.20 15.38
CA TYR A 96 -25.95 15.51 16.60
C TYR A 96 -26.90 14.40 17.06
N LYS A 97 -28.18 14.69 17.13
CA LYS A 97 -29.15 13.69 17.59
C LYS A 97 -29.18 12.45 16.70
N ALA A 98 -29.22 12.64 15.40
CA ALA A 98 -29.25 11.51 14.47
C ALA A 98 -27.96 10.70 14.66
N GLN A 99 -26.85 11.41 14.81
CA GLN A 99 -25.55 10.79 15.01
C GLN A 99 -25.55 9.86 16.23
N ILE A 100 -26.07 10.38 17.34
CA ILE A 100 -26.14 9.62 18.59
C ILE A 100 -27.02 8.38 18.45
N ASN A 101 -28.16 8.52 17.78
CA ASN A 101 -29.07 7.40 17.59
C ASN A 101 -28.45 6.27 16.75
N ARG A 102 -27.65 6.63 15.76
CA ARG A 102 -27.03 5.63 14.89
C ARG A 102 -25.96 4.80 15.61
N VAL A 103 -25.10 5.47 16.38
CA VAL A 103 -24.04 4.78 17.09
C VAL A 103 -24.55 3.91 18.24
N ARG A 104 -25.73 4.26 18.75
CA ARG A 104 -26.34 3.50 19.84
C ARG A 104 -26.49 2.03 19.48
N ASN A 105 -25.85 1.17 20.25
CA ASN A 105 -25.89 -0.28 20.05
C ASN A 105 -25.34 -0.76 18.69
N ALA A 106 -24.47 0.01 18.08
CA ALA A 106 -23.92 -0.38 16.79
C ALA A 106 -22.90 -1.50 16.97
N ASP A 107 -22.86 -2.42 16.02
CA ASP A 107 -21.92 -3.54 16.06
C ASP A 107 -20.70 -3.18 15.22
N ILE A 108 -20.94 -2.38 14.19
CA ILE A 108 -19.88 -1.93 13.30
C ILE A 108 -20.00 -0.41 13.14
N VAL A 109 -18.90 0.29 13.37
CA VAL A 109 -18.90 1.74 13.23
C VAL A 109 -17.92 2.15 12.14
N VAL A 110 -18.41 2.92 11.16
CA VAL A 110 -17.58 3.41 10.07
C VAL A 110 -17.54 4.90 10.35
N ALA A 111 -16.35 5.48 10.45
CA ALA A 111 -16.28 6.89 10.81
C ALA A 111 -15.04 7.64 10.36
N THR A 112 -15.19 8.96 10.23
CA THR A 112 -14.06 9.81 9.90
C THR A 112 -13.39 10.00 11.26
N PRO A 113 -12.05 10.09 11.31
CA PRO A 113 -11.32 10.25 12.57
C PRO A 113 -11.66 11.39 13.53
N GLY A 114 -11.79 12.60 13.00
CA GLY A 114 -12.09 13.74 13.85
C GLY A 114 -13.38 13.59 14.64
N ARG A 115 -14.47 13.28 13.95
CA ARG A 115 -15.77 13.12 14.58
C ARG A 115 -15.77 11.96 15.57
N LEU A 116 -15.06 10.88 15.23
CA LEU A 116 -14.97 9.73 16.12
C LEU A 116 -14.35 10.14 17.45
N LEU A 117 -13.21 10.82 17.40
CA LEU A 117 -12.55 11.25 18.62
C LEU A 117 -13.37 12.25 19.44
N ASP A 118 -14.19 13.05 18.77
CA ASP A 118 -15.03 14.00 19.48
C ASP A 118 -16.06 13.23 20.29
N LEU A 119 -16.66 12.21 19.67
CA LEU A 119 -17.66 11.40 20.37
C LEU A 119 -16.99 10.60 21.49
N TRP A 120 -15.75 10.18 21.25
CA TRP A 120 -15.01 9.42 22.26
C TRP A 120 -14.77 10.34 23.46
N SER A 121 -14.32 11.56 23.19
CA SER A 121 -14.05 12.54 24.23
C SER A 121 -15.27 12.83 25.09
N LYS A 122 -16.44 12.94 24.45
CA LYS A 122 -17.68 13.23 25.15
C LYS A 122 -18.26 12.02 25.89
N GLY A 123 -17.59 10.87 25.75
CA GLY A 123 -18.04 9.67 26.43
C GLY A 123 -19.20 8.92 25.77
N VAL A 124 -19.42 9.19 24.48
CA VAL A 124 -20.51 8.53 23.77
C VAL A 124 -20.02 7.21 23.16
N ILE A 125 -18.76 7.19 22.76
CA ILE A 125 -18.17 5.99 22.17
C ILE A 125 -17.06 5.37 23.02
N ASP A 126 -17.16 4.07 23.24
CA ASP A 126 -16.18 3.33 24.02
C ASP A 126 -15.20 2.67 23.05
N LEU A 127 -14.06 3.32 22.82
CA LEU A 127 -13.06 2.78 21.90
C LEU A 127 -12.46 1.47 22.38
N SER A 128 -12.56 1.21 23.67
CA SER A 128 -12.01 -0.02 24.23
C SER A 128 -12.89 -1.23 23.96
N SER A 129 -14.05 -1.00 23.35
CA SER A 129 -14.96 -2.10 23.05
C SER A 129 -14.76 -2.74 21.68
N PHE A 130 -13.96 -2.09 20.84
CA PHE A 130 -13.71 -2.61 19.49
C PHE A 130 -12.64 -3.70 19.44
N GLU A 131 -12.99 -4.87 18.90
CA GLU A 131 -12.03 -5.96 18.80
C GLU A 131 -11.38 -6.02 17.43
N ILE A 132 -11.97 -5.33 16.46
CA ILE A 132 -11.38 -5.26 15.12
C ILE A 132 -11.34 -3.79 14.74
N VAL A 133 -10.18 -3.33 14.29
CA VAL A 133 -10.02 -1.94 13.89
C VAL A 133 -9.37 -1.90 12.52
N ILE A 134 -10.02 -1.19 11.61
CA ILE A 134 -9.53 -1.04 10.24
C ILE A 134 -9.23 0.44 9.96
N ILE A 135 -8.06 0.71 9.39
CA ILE A 135 -7.69 2.07 9.00
C ILE A 135 -7.66 2.01 7.47
N ASP A 136 -8.65 2.63 6.83
CA ASP A 136 -8.78 2.60 5.36
C ASP A 136 -8.27 3.88 4.71
N GLU A 137 -7.27 3.74 3.85
CA GLU A 137 -6.64 4.87 3.14
C GLU A 137 -5.83 5.72 4.12
N ALA A 138 -4.92 5.04 4.81
CA ALA A 138 -4.05 5.67 5.79
C ALA A 138 -3.23 6.82 5.21
N ASP A 139 -2.74 6.64 3.99
CA ASP A 139 -1.93 7.69 3.37
C ASP A 139 -2.73 8.96 3.12
N LEU A 140 -3.98 8.82 2.68
CA LEU A 140 -4.82 10.01 2.43
C LEU A 140 -5.09 10.72 3.75
N MET A 141 -5.33 9.96 4.81
CA MET A 141 -5.58 10.57 6.11
C MET A 141 -4.36 11.34 6.59
N PHE A 142 -3.17 10.79 6.34
CA PHE A 142 -1.94 11.47 6.74
C PHE A 142 -1.78 12.78 5.96
N GLU A 143 -2.09 12.74 4.68
CA GLU A 143 -1.98 13.93 3.83
C GLU A 143 -3.03 14.98 4.19
N MET A 144 -4.14 14.54 4.76
CA MET A 144 -5.22 15.44 5.16
C MET A 144 -4.96 16.02 6.55
N GLY A 145 -3.87 15.59 7.17
CA GLY A 145 -3.50 16.08 8.49
C GLY A 145 -4.07 15.31 9.67
N PHE A 146 -4.58 14.11 9.43
CA PHE A 146 -5.18 13.31 10.51
C PHE A 146 -4.29 12.28 11.19
N ILE A 147 -3.01 12.20 10.85
CA ILE A 147 -2.16 11.16 11.46
C ILE A 147 -2.16 11.12 13.00
N ASP A 148 -2.24 12.26 13.67
CA ASP A 148 -2.26 12.22 15.13
C ASP A 148 -3.56 11.61 15.63
N ASP A 149 -4.63 11.75 14.86
CA ASP A 149 -5.92 11.16 15.24
C ASP A 149 -5.80 9.65 15.14
N ILE A 150 -5.16 9.18 14.08
CA ILE A 150 -4.97 7.75 13.88
C ILE A 150 -4.19 7.15 15.04
N LYS A 151 -3.18 7.87 15.52
CA LYS A 151 -2.35 7.40 16.64
C LYS A 151 -3.18 7.27 17.91
N ILE A 152 -4.02 8.28 18.16
CA ILE A 152 -4.88 8.27 19.34
C ILE A 152 -5.90 7.14 19.25
N ILE A 153 -6.46 6.95 18.06
CA ILE A 153 -7.44 5.90 17.88
C ILE A 153 -6.83 4.53 18.16
N LEU A 154 -5.66 4.26 17.59
CA LEU A 154 -5.02 2.97 17.81
C LEU A 154 -4.58 2.77 19.25
N ALA A 155 -4.21 3.86 19.92
CA ALA A 155 -3.78 3.77 21.32
C ALA A 155 -4.97 3.50 22.23
N GLN A 156 -6.10 4.15 21.94
CA GLN A 156 -7.30 3.98 22.75
C GLN A 156 -8.11 2.72 22.47
N THR A 157 -7.95 2.12 21.29
CA THR A 157 -8.66 0.88 21.00
C THR A 157 -7.83 -0.25 21.61
N SER A 158 -7.76 -0.22 22.93
CA SER A 158 -6.95 -1.15 23.73
C SER A 158 -7.29 -2.63 23.69
N ASN A 159 -8.46 -2.98 23.17
CA ASN A 159 -8.85 -4.39 23.12
C ASN A 159 -8.91 -4.95 21.71
N ARG A 160 -8.33 -4.23 20.74
CA ARG A 160 -8.37 -4.72 19.38
C ARG A 160 -7.55 -6.00 19.26
N LYS A 161 -8.16 -7.02 18.68
CA LYS A 161 -7.53 -8.32 18.49
C LYS A 161 -6.97 -8.43 17.08
N ILE A 162 -7.66 -7.78 16.14
CA ILE A 162 -7.25 -7.78 14.74
C ILE A 162 -7.23 -6.35 14.24
N THR A 163 -6.10 -5.94 13.70
CA THR A 163 -5.97 -4.58 13.18
C THR A 163 -5.53 -4.67 11.73
N GLY A 164 -6.18 -3.89 10.88
CA GLY A 164 -5.84 -3.89 9.47
C GLY A 164 -5.68 -2.47 8.97
N LEU A 165 -4.61 -2.21 8.24
CA LEU A 165 -4.39 -0.89 7.68
C LEU A 165 -4.28 -1.04 6.17
N PHE A 166 -5.10 -0.29 5.44
CA PHE A 166 -5.12 -0.34 3.98
C PHE A 166 -4.66 1.02 3.46
N SER A 167 -3.74 1.00 2.51
CA SER A 167 -3.22 2.23 1.96
C SER A 167 -2.55 1.96 0.62
N ALA A 168 -2.72 2.86 -0.33
CA ALA A 168 -2.11 2.71 -1.65
C ALA A 168 -0.60 2.85 -1.54
N THR A 169 -0.15 3.72 -0.65
CA THR A 169 1.27 3.95 -0.42
C THR A 169 1.57 3.93 1.07
N ILE A 170 2.84 3.77 1.41
CA ILE A 170 3.22 3.73 2.82
C ILE A 170 4.33 4.71 3.14
N PRO A 171 4.00 6.00 3.28
CA PRO A 171 5.02 7.00 3.60
C PRO A 171 5.68 6.67 4.93
N GLU A 172 6.85 7.24 5.18
CA GLU A 172 7.57 6.97 6.42
C GLU A 172 6.72 7.16 7.67
N GLU A 173 5.97 8.26 7.72
CA GLU A 173 5.13 8.54 8.86
C GLU A 173 4.16 7.39 9.16
N ILE A 174 3.58 6.83 8.11
CA ILE A 174 2.64 5.72 8.27
C ILE A 174 3.39 4.47 8.70
N ARG A 175 4.58 4.26 8.14
CA ARG A 175 5.39 3.09 8.50
C ARG A 175 5.67 3.10 9.99
N LYS A 176 5.95 4.28 10.53
CA LYS A 176 6.23 4.44 11.95
C LYS A 176 5.02 4.05 12.79
N VAL A 177 3.84 4.53 12.39
CA VAL A 177 2.61 4.24 13.11
C VAL A 177 2.35 2.73 13.14
N VAL A 178 2.45 2.10 11.98
CA VAL A 178 2.23 0.66 11.88
C VAL A 178 3.17 -0.10 12.83
N LYS A 179 4.44 0.29 12.85
CA LYS A 179 5.42 -0.37 13.71
C LYS A 179 5.12 -0.21 15.20
N ASP A 180 4.72 0.98 15.60
CA ASP A 180 4.42 1.25 17.00
C ASP A 180 3.05 0.76 17.49
N PHE A 181 2.12 0.56 16.58
CA PHE A 181 0.76 0.16 16.97
C PHE A 181 0.22 -1.20 16.50
N ILE A 182 0.74 -1.71 15.38
CA ILE A 182 0.28 -3.00 14.83
C ILE A 182 1.31 -4.10 15.11
N THR A 183 0.88 -5.09 15.87
CA THR A 183 1.71 -6.22 16.29
C THR A 183 1.82 -7.33 15.26
N ASN A 184 3.06 -7.74 15.00
CA ASN A 184 3.40 -8.83 14.10
C ASN A 184 2.39 -9.04 12.98
N TYR A 185 2.33 -8.05 12.09
CA TYR A 185 1.43 -8.02 10.94
C TYR A 185 1.94 -8.69 9.67
N GLU A 186 0.99 -9.07 8.82
CA GLU A 186 1.27 -9.69 7.52
C GLU A 186 1.20 -8.57 6.49
N GLU A 187 2.20 -8.49 5.63
CA GLU A 187 2.23 -7.48 4.59
C GLU A 187 1.66 -8.04 3.29
N ILE A 188 0.57 -7.45 2.81
CA ILE A 188 -0.12 -7.89 1.62
C ILE A 188 -0.06 -6.87 0.48
N GLU A 189 0.11 -7.36 -0.73
CA GLU A 189 0.17 -6.51 -1.91
C GLU A 189 -0.42 -7.20 -3.12
N ALA A 190 -0.99 -6.41 -4.03
CA ALA A 190 -1.56 -6.95 -5.25
C ALA A 190 -0.47 -6.90 -6.33
N CYS A 191 -0.63 -7.69 -7.37
CA CYS A 191 0.35 -7.71 -8.45
C CYS A 191 -0.16 -6.91 -9.63
N ILE A 192 -1.16 -6.06 -9.39
CA ILE A 192 -1.76 -5.25 -10.44
C ILE A 192 -0.76 -4.30 -11.12
N GLY A 193 0.21 -3.80 -10.35
CA GLY A 193 1.20 -2.90 -10.92
C GLY A 193 1.87 -3.50 -12.15
N LEU A 194 1.90 -4.82 -12.22
CA LEU A 194 2.52 -5.53 -13.34
C LEU A 194 1.79 -5.27 -14.67
N ALA A 195 0.49 -4.99 -14.60
CA ALA A 195 -0.29 -4.76 -15.81
C ALA A 195 -0.05 -3.43 -16.51
N ASN A 196 0.43 -2.43 -15.77
CA ASN A 196 0.67 -1.12 -16.34
C ASN A 196 2.09 -0.94 -16.87
N VAL A 197 2.84 -2.03 -16.98
CA VAL A 197 4.21 -1.95 -17.46
C VAL A 197 4.57 -3.04 -18.45
N GLU A 198 5.35 -2.69 -19.47
CA GLU A 198 5.81 -3.66 -20.45
C GLU A 198 7.09 -4.23 -19.84
N HIS A 199 7.13 -5.55 -19.69
CA HIS A 199 8.29 -6.21 -19.09
C HIS A 199 9.24 -6.84 -20.09
N LYS A 200 10.50 -6.44 -20.04
CA LYS A 200 11.50 -6.99 -20.93
C LYS A 200 12.59 -7.65 -20.11
N PHE A 201 13.08 -8.79 -20.58
CA PHE A 201 14.12 -9.50 -19.88
C PHE A 201 15.29 -9.77 -20.83
N VAL A 202 16.48 -9.40 -20.39
CA VAL A 202 17.69 -9.60 -21.18
C VAL A 202 18.55 -10.61 -20.46
N HIS A 203 18.88 -11.69 -21.16
CA HIS A 203 19.71 -12.72 -20.57
C HIS A 203 21.17 -12.42 -20.81
N VAL A 204 21.91 -12.21 -19.72
CA VAL A 204 23.33 -11.89 -19.78
C VAL A 204 24.21 -13.08 -19.40
N LYS A 205 25.45 -13.05 -19.89
CA LYS A 205 26.43 -14.11 -19.66
C LYS A 205 27.09 -14.15 -18.29
N ASP A 206 27.19 -13.00 -17.62
CA ASP A 206 27.83 -12.96 -16.32
C ASP A 206 27.21 -11.89 -15.43
N ASP A 207 27.75 -11.72 -14.22
CA ASP A 207 27.21 -10.76 -13.28
C ASP A 207 27.87 -9.37 -13.27
N TRP A 208 28.63 -9.04 -14.32
CA TRP A 208 29.25 -7.71 -14.36
C TRP A 208 29.58 -7.18 -15.76
N ARG A 209 30.63 -7.71 -16.39
CA ARG A 209 31.01 -7.20 -17.71
C ARG A 209 29.88 -7.20 -18.72
N SER A 210 29.11 -8.28 -18.80
CA SER A 210 28.01 -8.34 -19.75
C SER A 210 26.89 -7.37 -19.37
N LYS A 211 26.74 -7.11 -18.07
CA LYS A 211 25.72 -6.19 -17.61
C LYS A 211 26.15 -4.75 -17.94
N VAL A 212 27.42 -4.44 -17.72
CA VAL A 212 27.91 -3.11 -18.05
C VAL A 212 27.70 -2.86 -19.55
N GLN A 213 27.99 -3.87 -20.37
CA GLN A 213 27.82 -3.75 -21.81
C GLN A 213 26.37 -3.57 -22.21
N ALA A 214 25.47 -4.31 -21.56
CA ALA A 214 24.04 -4.21 -21.88
C ALA A 214 23.53 -2.81 -21.53
N LEU A 215 24.05 -2.25 -20.44
CA LEU A 215 23.63 -0.92 -20.03
C LEU A 215 24.13 0.14 -21.03
N ARG A 216 25.32 -0.08 -21.58
CA ARG A 216 25.87 0.86 -22.56
C ARG A 216 24.97 0.94 -23.79
N GLU A 217 24.17 -0.10 -23.99
CA GLU A 217 23.25 -0.12 -25.14
C GLU A 217 22.00 0.73 -24.93
N ASN A 218 21.80 1.22 -23.71
CA ASN A 218 20.63 2.05 -23.40
C ASN A 218 20.65 3.35 -24.19
N LYS A 219 19.53 3.68 -24.82
CA LYS A 219 19.40 4.89 -25.63
C LYS A 219 18.52 5.95 -24.96
N ASP A 220 17.75 5.54 -23.97
CA ASP A 220 16.83 6.46 -23.31
C ASP A 220 17.41 7.36 -22.22
N LYS A 221 16.81 8.55 -22.09
CA LYS A 221 17.21 9.53 -21.10
C LYS A 221 16.20 9.49 -19.96
N GLY A 222 16.63 9.91 -18.78
CA GLY A 222 15.74 9.92 -17.64
C GLY A 222 15.35 8.52 -17.20
N VAL A 223 16.32 7.63 -17.07
CA VAL A 223 16.07 6.25 -16.67
C VAL A 223 16.62 6.00 -15.26
N ILE A 224 15.92 5.17 -14.49
CA ILE A 224 16.38 4.81 -13.15
C ILE A 224 16.96 3.40 -13.25
N VAL A 225 18.17 3.21 -12.72
CA VAL A 225 18.84 1.93 -12.78
C VAL A 225 19.03 1.37 -11.39
N PHE A 226 18.44 0.21 -11.11
CA PHE A 226 18.55 -0.41 -9.80
C PHE A 226 19.68 -1.42 -9.78
N VAL A 227 20.51 -1.31 -8.73
CA VAL A 227 21.66 -2.17 -8.55
C VAL A 227 21.58 -2.84 -7.19
N ARG A 228 22.21 -4.01 -7.08
CA ARG A 228 22.18 -4.82 -5.88
C ARG A 228 22.89 -4.31 -4.63
N THR A 229 24.06 -3.69 -4.80
CA THR A 229 24.84 -3.22 -3.66
C THR A 229 25.44 -1.83 -3.81
N ARG A 230 25.86 -1.26 -2.69
CA ARG A 230 26.49 0.05 -2.70
C ARG A 230 27.78 0.01 -3.54
N ASN A 231 28.56 -1.07 -3.38
CA ASN A 231 29.80 -1.21 -4.13
C ASN A 231 29.57 -1.18 -5.64
N ARG A 232 28.54 -1.87 -6.11
CA ARG A 232 28.24 -1.90 -7.53
C ARG A 232 27.77 -0.54 -8.03
N VAL A 233 27.01 0.19 -7.20
CA VAL A 233 26.57 1.52 -7.60
C VAL A 233 27.80 2.42 -7.77
N ALA A 234 28.73 2.30 -6.83
CA ALA A 234 29.95 3.11 -6.86
C ALA A 234 30.79 2.84 -8.10
N LYS A 235 30.95 1.57 -8.43
CA LYS A 235 31.75 1.20 -9.60
C LYS A 235 31.04 1.51 -10.92
N LEU A 236 29.74 1.31 -10.94
CA LEU A 236 28.97 1.56 -12.15
C LEU A 236 28.95 3.05 -12.51
N VAL A 237 28.76 3.91 -11.51
CA VAL A 237 28.70 5.34 -11.77
C VAL A 237 30.04 5.86 -12.28
N ARG A 238 31.12 5.15 -11.96
CA ARG A 238 32.45 5.54 -12.41
C ARG A 238 32.72 5.11 -13.85
N LEU A 239 31.83 4.29 -14.42
CA LEU A 239 31.99 3.82 -15.78
C LEU A 239 31.13 4.59 -16.79
N PHE A 240 30.19 5.39 -16.29
CA PHE A 240 29.29 6.16 -17.15
C PHE A 240 29.35 7.64 -16.79
N ASP A 241 29.66 8.49 -17.76
CA ASP A 241 29.74 9.92 -17.47
C ASP A 241 28.43 10.69 -17.58
N ASN A 242 27.31 9.96 -17.70
CA ASN A 242 26.00 10.57 -17.79
C ASN A 242 25.13 10.07 -16.65
N ALA A 243 25.76 9.60 -15.59
CA ALA A 243 25.02 9.05 -14.44
C ALA A 243 25.35 9.65 -13.09
N ILE A 244 24.31 9.75 -12.24
CA ILE A 244 24.47 10.25 -10.88
C ILE A 244 23.93 9.13 -9.98
N GLU A 245 24.56 8.94 -8.83
CA GLU A 245 24.16 7.86 -7.95
C GLU A 245 23.49 8.21 -6.62
N LEU A 246 22.87 7.19 -6.04
CA LEU A 246 22.24 7.28 -4.73
C LEU A 246 22.83 6.08 -3.98
N ARG A 247 23.45 6.34 -2.84
CA ARG A 247 24.07 5.30 -2.01
C ARG A 247 23.52 5.44 -0.59
N GLY A 248 23.44 4.33 0.12
CA GLY A 248 22.92 4.35 1.48
C GLY A 248 23.68 5.23 2.47
N ASP A 249 24.96 5.45 2.22
CA ASP A 249 25.77 6.25 3.14
C ASP A 249 25.80 7.75 2.82
N LEU A 250 25.05 8.16 1.81
CA LEU A 250 24.99 9.57 1.44
C LEU A 250 23.90 10.22 2.26
N PRO A 251 24.20 11.37 2.90
CA PRO A 251 23.14 12.00 3.69
C PRO A 251 21.94 12.30 2.79
N GLN A 252 20.76 12.34 3.37
CA GLN A 252 19.55 12.59 2.61
C GLN A 252 19.58 13.90 1.82
N SER A 253 20.32 14.89 2.30
CA SER A 253 20.40 16.16 1.60
C SER A 253 21.15 15.98 0.29
N VAL A 254 22.25 15.21 0.33
CA VAL A 254 23.05 14.96 -0.86
C VAL A 254 22.26 14.15 -1.88
N ARG A 255 21.50 13.16 -1.39
CA ARG A 255 20.71 12.33 -2.28
C ARG A 255 19.59 13.14 -2.95
N ASN A 256 18.94 14.01 -2.18
CA ASN A 256 17.88 14.86 -2.74
C ASN A 256 18.46 15.80 -3.80
N ARG A 257 19.70 16.23 -3.57
CA ARG A 257 20.37 17.13 -4.51
C ARG A 257 20.71 16.37 -5.80
N ASN A 258 21.09 15.10 -5.65
CA ASN A 258 21.42 14.28 -6.82
C ASN A 258 20.15 14.01 -7.63
N ILE A 259 19.04 13.82 -6.92
CA ILE A 259 17.75 13.58 -7.55
C ILE A 259 17.34 14.86 -8.30
N ASP A 260 17.66 16.02 -7.72
CA ASP A 260 17.32 17.29 -8.36
C ASP A 260 18.06 17.43 -9.68
N ALA A 261 19.33 17.01 -9.69
CA ALA A 261 20.15 17.09 -10.89
C ALA A 261 19.54 16.20 -11.96
N PHE A 262 19.10 15.01 -11.54
CA PHE A 262 18.46 14.06 -12.44
C PHE A 262 17.18 14.67 -13.03
N ARG A 263 16.39 15.30 -12.16
CA ARG A 263 15.14 15.94 -12.59
C ARG A 263 15.43 17.06 -13.60
N GLU A 264 16.51 17.80 -13.35
CA GLU A 264 16.92 18.90 -14.21
C GLU A 264 17.47 18.40 -15.55
N GLY A 265 17.65 17.10 -15.67
CA GLY A 265 18.19 16.55 -16.91
C GLY A 265 19.70 16.65 -17.03
N GLU A 266 20.37 16.93 -15.91
CA GLU A 266 21.84 17.05 -15.89
C GLU A 266 22.53 15.70 -16.06
N TYR A 267 21.76 14.63 -15.81
CA TYR A 267 22.24 13.26 -15.92
C TYR A 267 21.13 12.47 -16.61
N ASP A 268 21.50 11.48 -17.42
CA ASP A 268 20.51 10.67 -18.12
C ASP A 268 20.02 9.50 -17.26
N MET A 269 20.88 9.05 -16.34
CA MET A 269 20.53 7.92 -15.50
C MET A 269 20.74 8.18 -14.01
N LEU A 270 19.85 7.61 -13.21
CA LEU A 270 19.93 7.71 -11.76
C LEU A 270 20.19 6.27 -11.32
N ILE A 271 21.41 6.00 -10.86
CA ILE A 271 21.78 4.66 -10.41
C ILE A 271 21.62 4.57 -8.90
N THR A 272 20.86 3.58 -8.44
CA THR A 272 20.59 3.46 -7.01
C THR A 272 20.36 2.03 -6.52
N THR A 273 20.43 1.86 -5.20
CA THR A 273 20.13 0.57 -4.59
C THR A 273 18.70 0.79 -4.06
N ASP A 274 18.04 -0.29 -3.64
CA ASP A 274 16.68 -0.15 -3.12
C ASP A 274 16.72 0.69 -1.84
N VAL A 275 17.67 0.40 -0.97
CA VAL A 275 17.82 1.13 0.30
C VAL A 275 18.04 2.64 0.11
N ALA A 276 18.94 3.00 -0.79
CA ALA A 276 19.26 4.40 -1.02
C ALA A 276 18.14 5.27 -1.57
N SER A 277 17.18 4.67 -2.27
CA SER A 277 16.08 5.46 -2.84
C SER A 277 14.79 5.37 -2.02
N ARG A 278 14.78 4.46 -1.05
CA ARG A 278 13.60 4.25 -0.20
C ARG A 278 13.18 5.52 0.52
N GLY A 279 11.91 5.85 0.41
CA GLY A 279 11.37 7.02 1.08
C GLY A 279 11.76 8.37 0.50
N LEU A 280 12.42 8.38 -0.65
CA LEU A 280 12.81 9.64 -1.27
C LEU A 280 11.85 9.99 -2.41
N ASP A 281 11.64 11.28 -2.63
CA ASP A 281 10.76 11.72 -3.69
C ASP A 281 11.53 11.78 -4.99
N ILE A 282 11.19 10.88 -5.91
CA ILE A 282 11.85 10.82 -7.21
C ILE A 282 10.79 11.02 -8.29
N PRO A 283 11.09 11.86 -9.29
CA PRO A 283 10.11 12.10 -10.35
C PRO A 283 9.77 10.80 -11.08
N LEU A 284 8.50 10.63 -11.41
CA LEU A 284 8.07 9.44 -12.13
C LEU A 284 8.78 9.43 -13.48
N VAL A 285 9.22 8.27 -13.91
CA VAL A 285 9.92 8.15 -15.18
C VAL A 285 9.17 7.17 -16.09
N GLU A 286 9.68 6.97 -17.29
CA GLU A 286 9.04 6.05 -18.23
C GLU A 286 9.65 4.66 -18.17
N LYS A 287 10.95 4.61 -17.90
CA LYS A 287 11.67 3.34 -17.89
C LYS A 287 12.62 3.11 -16.72
N VAL A 288 12.61 1.88 -16.22
CA VAL A 288 13.48 1.46 -15.13
C VAL A 288 14.30 0.27 -15.65
N ILE A 289 15.57 0.24 -15.29
CA ILE A 289 16.43 -0.85 -15.69
C ILE A 289 16.94 -1.56 -14.44
N ASN A 290 16.66 -2.85 -14.35
CA ASN A 290 17.11 -3.63 -13.21
C ASN A 290 18.44 -4.24 -13.63
N PHE A 291 19.52 -3.47 -13.42
CA PHE A 291 20.87 -3.91 -13.76
C PHE A 291 21.07 -5.22 -13.04
N ASP A 292 20.58 -5.29 -11.80
CA ASP A 292 20.64 -6.51 -11.00
C ASP A 292 19.17 -6.85 -10.70
N ALA A 293 18.80 -8.09 -10.96
CA ALA A 293 17.43 -8.52 -10.71
C ALA A 293 17.11 -8.40 -9.22
N PRO A 294 15.85 -8.05 -8.89
CA PRO A 294 15.49 -7.93 -7.47
C PRO A 294 15.46 -9.32 -6.84
N GLN A 295 15.47 -9.37 -5.51
CA GLN A 295 15.47 -10.64 -4.80
C GLN A 295 14.10 -11.31 -4.72
N ASP A 296 13.04 -10.55 -4.97
CA ASP A 296 11.69 -11.11 -4.93
C ASP A 296 10.72 -10.29 -5.77
N LEU A 297 9.54 -10.84 -6.01
CA LEU A 297 8.54 -10.14 -6.82
C LEU A 297 8.09 -8.82 -6.20
N ARG A 298 7.98 -8.78 -4.88
CA ARG A 298 7.56 -7.57 -4.20
C ARG A 298 8.51 -6.40 -4.50
N THR A 299 9.80 -6.68 -4.46
CA THR A 299 10.79 -5.65 -4.74
C THR A 299 10.70 -5.23 -6.21
N TYR A 300 10.43 -6.19 -7.09
CA TYR A 300 10.28 -5.88 -8.52
C TYR A 300 9.12 -4.91 -8.69
N ILE A 301 7.99 -5.21 -8.05
CA ILE A 301 6.82 -4.36 -8.16
C ILE A 301 7.09 -2.96 -7.63
N HIS A 302 7.82 -2.85 -6.52
CA HIS A 302 8.15 -1.55 -5.93
C HIS A 302 9.03 -0.73 -6.87
N ARG A 303 9.98 -1.39 -7.51
CA ARG A 303 10.88 -0.72 -8.45
C ARG A 303 10.13 -0.23 -9.70
N ILE A 304 9.34 -1.11 -10.32
CA ILE A 304 8.62 -0.69 -11.52
C ILE A 304 7.57 0.33 -11.17
N GLY A 305 7.31 0.48 -9.86
CA GLY A 305 6.35 1.45 -9.40
C GLY A 305 6.90 2.86 -9.61
N ARG A 306 8.18 2.95 -9.95
CA ARG A 306 8.83 4.23 -10.19
C ARG A 306 8.48 4.77 -11.58
N THR A 307 7.86 3.95 -12.41
CA THR A 307 7.48 4.36 -13.75
C THR A 307 6.03 4.84 -13.75
N GLY A 308 5.49 5.06 -14.96
CA GLY A 308 4.11 5.51 -15.07
C GLY A 308 3.95 7.03 -15.01
N ARG A 309 4.87 7.76 -15.63
CA ARG A 309 4.79 9.22 -15.63
C ARG A 309 3.57 9.67 -16.45
N MET A 310 2.83 10.62 -15.90
CA MET A 310 1.63 11.15 -16.55
C MET A 310 0.58 10.07 -16.83
N GLY A 311 0.51 9.07 -15.95
CA GLY A 311 -0.46 8.00 -16.11
C GLY A 311 -0.22 7.09 -17.30
N ARG A 312 0.93 7.22 -17.94
CA ARG A 312 1.27 6.39 -19.09
C ARG A 312 1.78 5.02 -18.67
N LYS A 313 1.79 4.09 -19.62
CA LYS A 313 2.28 2.74 -19.37
C LYS A 313 3.80 2.84 -19.28
N GLY A 314 4.41 2.05 -18.40
CA GLY A 314 5.85 2.11 -18.26
C GLY A 314 6.58 0.98 -18.94
N GLU A 315 7.90 0.97 -18.77
CA GLU A 315 8.74 -0.08 -19.33
C GLU A 315 9.81 -0.47 -18.33
N ALA A 316 9.98 -1.77 -18.13
CA ALA A 316 10.99 -2.27 -17.21
C ALA A 316 11.86 -3.25 -17.96
N ILE A 317 13.16 -3.13 -17.79
CA ILE A 317 14.11 -4.04 -18.43
C ILE A 317 14.95 -4.64 -17.34
N THR A 318 15.00 -5.97 -17.27
CA THR A 318 15.78 -6.64 -16.24
C THR A 318 16.85 -7.52 -16.84
N PHE A 319 18.07 -7.38 -16.34
CA PHE A 319 19.17 -8.21 -16.82
C PHE A 319 19.09 -9.49 -16.01
N ILE A 320 18.84 -10.60 -16.69
CA ILE A 320 18.73 -11.89 -16.02
C ILE A 320 19.95 -12.76 -16.25
N LEU A 321 20.57 -13.19 -15.15
CA LEU A 321 21.70 -14.07 -15.24
C LEU A 321 21.09 -15.45 -15.03
N ASN A 322 20.74 -15.75 -13.79
CA ASN A 322 20.12 -17.02 -13.45
C ASN A 322 18.78 -16.87 -12.71
N GLU A 323 18.25 -15.65 -12.67
CA GLU A 323 17.00 -15.38 -11.97
C GLU A 323 15.76 -15.67 -12.83
N TYR A 324 15.76 -16.80 -13.52
CA TYR A 324 14.64 -17.19 -14.37
C TYR A 324 13.29 -17.23 -13.65
N TRP A 325 13.31 -17.38 -12.33
CA TRP A 325 12.07 -17.41 -11.54
C TRP A 325 11.28 -16.12 -11.66
N LEU A 326 11.99 -15.00 -11.79
CA LEU A 326 11.34 -13.70 -11.88
C LEU A 326 10.58 -13.57 -13.19
N GLU A 327 11.21 -13.98 -14.28
CA GLU A 327 10.61 -13.94 -15.60
C GLU A 327 9.34 -14.77 -15.61
N LYS A 328 9.45 -15.98 -15.06
CA LYS A 328 8.33 -16.91 -14.99
C LYS A 328 7.17 -16.30 -14.21
N GLU A 329 7.44 -15.87 -12.98
CA GLU A 329 6.41 -15.28 -12.12
C GLU A 329 5.75 -14.05 -12.71
N VAL A 330 6.55 -13.12 -13.23
CA VAL A 330 6.02 -11.89 -13.83
C VAL A 330 5.11 -12.24 -14.99
N LYS A 331 5.61 -13.07 -15.91
CA LYS A 331 4.84 -13.49 -17.07
C LYS A 331 3.64 -14.34 -16.64
#